data_7KGX
#
_entry.id   7KGX
#
_cell.length_a   60.885
_cell.length_b   60.885
_cell.length_c   146.601
_cell.angle_alpha   90.000
_cell.angle_beta   90.000
_cell.angle_gamma   120.000
#
_symmetry.space_group_name_H-M   'P 32 2 1'
#
loop_
_entity.id
_entity.type
_entity.pdbx_description
1 polymer '2-aminobenzoylacetyl-CoA thioesterase'
2 non-polymer 'FE (III) ION'
3 non-polymer 4-({[(2R)-2-methyl-2-(morpholin-4-yl)butyl]carbamoyl}amino)-N-(1,3-thiazol-2-yl)benzamide
4 water water
#
_entity_poly.entity_id   1
_entity_poly.type   'polypeptide(L)'
_entity_poly.pdbx_seq_one_letter_code
;GSHMLRLSAPGQLDDDLCLLGDVQVPVFLLRLGEASWALVEGGISRDAELVWADLCRWVADPSQVHYWLITHKHYDHCGL
LPYLCPRLPNVQVLASERTCQAWKSESAVRVVERLNRQLLRAEQRLPEACAWDALPVRAVADGEWLELGPRHRLQVIEAH
GHSDDHVVFYDVRRRRLFCGDALGEFDEAEGVWRPLVFDDMEAYLESLERLQRLPTLLQLIPGHGGLLRGRLAADGAESA
YTECLRLCRRLLWRQSMGESLDELSEELHRAWGGQSVDFLPGELHLGSMRRMLEILSRQALPLD
;
_entity_poly.pdbx_strand_id   A
#
# COMPACT_ATOMS: atom_id res chain seq x y z
N SER A 2 -1.45 1.23 -22.91
CA SER A 2 -1.30 0.48 -21.67
C SER A 2 -1.68 -1.00 -21.87
N HIS A 3 -1.66 -1.77 -20.78
CA HIS A 3 -1.79 -3.22 -20.85
C HIS A 3 -3.15 -3.67 -20.32
N MET A 4 -3.78 -4.60 -21.02
CA MET A 4 -5.12 -5.05 -20.63
C MET A 4 -5.13 -5.86 -19.35
N LEU A 5 -3.98 -6.38 -18.89
CA LEU A 5 -3.90 -7.09 -17.63
C LEU A 5 -3.72 -6.17 -16.43
N ARG A 6 -3.61 -4.86 -16.66
CA ARG A 6 -3.46 -3.85 -15.61
C ARG A 6 -4.45 -2.73 -15.89
N LEU A 7 -5.33 -2.45 -14.93
CA LEU A 7 -6.23 -1.30 -14.98
C LEU A 7 -5.58 -0.15 -14.21
N SER A 8 -5.24 0.92 -14.91
CA SER A 8 -4.44 1.97 -14.29
C SER A 8 -4.97 3.35 -14.67
N ALA A 9 -6.29 3.52 -14.62
CA ALA A 9 -6.92 4.81 -14.85
C ALA A 9 -7.87 5.11 -13.70
N PRO A 10 -8.00 6.37 -13.29
CA PRO A 10 -8.98 6.69 -12.25
C PRO A 10 -10.40 6.42 -12.72
N GLY A 11 -11.30 6.20 -11.77
CA GLY A 11 -12.68 5.97 -12.13
C GLY A 11 -13.09 4.53 -11.90
N GLN A 12 -14.10 4.07 -12.61
CA GLN A 12 -14.68 2.77 -12.32
C GLN A 12 -13.74 1.64 -12.76
N LEU A 13 -13.48 0.70 -11.85
CA LEU A 13 -12.67 -0.48 -12.14
C LEU A 13 -13.49 -1.77 -12.21
N ASP A 14 -14.63 -1.81 -11.54
CA ASP A 14 -15.47 -3.00 -11.47
C ASP A 14 -16.84 -2.49 -11.05
N ASP A 15 -17.82 -3.39 -11.05
CA ASP A 15 -19.18 -2.97 -10.70
C ASP A 15 -19.23 -2.30 -9.33
N ASP A 16 -18.35 -2.70 -8.42
CA ASP A 16 -18.40 -2.22 -7.03
C ASP A 16 -17.18 -1.38 -6.65
N LEU A 17 -16.30 -1.06 -7.60
CA LEU A 17 -14.97 -0.60 -7.24
C LEU A 17 -14.54 0.56 -8.14
N CYS A 18 -14.05 1.63 -7.52
CA CYS A 18 -13.49 2.78 -8.23
C CYS A 18 -12.10 3.11 -7.71
N LEU A 19 -11.27 3.65 -8.57
CA LEU A 19 -9.97 4.18 -8.18
C LEU A 19 -10.12 5.70 -8.06
N LEU A 20 -9.78 6.23 -6.89
CA LEU A 20 -9.80 7.67 -6.62
C LEU A 20 -8.39 8.22 -6.60
N GLY A 21 -8.23 9.44 -7.11
CA GLY A 21 -6.96 10.12 -7.04
C GLY A 21 -5.96 9.60 -8.08
N ASP A 22 -4.70 9.63 -7.68
CA ASP A 22 -3.59 9.32 -8.57
C ASP A 22 -3.31 7.82 -8.54
N VAL A 23 -3.13 7.22 -9.72
CA VAL A 23 -2.90 5.77 -9.79
C VAL A 23 -1.63 5.37 -9.06
N GLN A 24 -0.66 6.29 -8.95
CA GLN A 24 0.56 5.92 -8.27
C GLN A 24 0.39 5.87 -6.75
N VAL A 25 -0.56 6.62 -6.17
CA VAL A 25 -0.87 6.47 -4.74
C VAL A 25 -2.38 6.46 -4.58
N PRO A 26 -3.04 5.36 -4.96
CA PRO A 26 -4.50 5.39 -5.13
C PRO A 26 -5.24 5.16 -3.81
N VAL A 27 -6.48 5.64 -3.79
CA VAL A 27 -7.46 5.26 -2.78
C VAL A 27 -8.61 4.54 -3.47
N PHE A 28 -8.94 3.34 -3.01
CA PHE A 28 -10.00 2.57 -3.65
C PHE A 28 -11.33 2.78 -2.93
N LEU A 29 -12.38 2.91 -3.71
CA LEU A 29 -13.75 3.13 -3.23
C LEU A 29 -14.58 1.87 -3.47
N LEU A 30 -15.07 1.26 -2.39
CA LEU A 30 -15.96 0.11 -2.48
C LEU A 30 -17.40 0.53 -2.25
N ARG A 31 -18.28 0.17 -3.18
CA ARG A 31 -19.70 0.38 -2.99
C ARG A 31 -20.27 -0.81 -2.22
N LEU A 32 -20.68 -0.58 -0.97
CA LEU A 32 -21.17 -1.67 -0.13
C LEU A 32 -22.67 -1.89 -0.28
N GLY A 33 -23.42 -0.86 -0.62
CA GLY A 33 -24.85 -0.99 -0.80
C GLY A 33 -25.41 0.29 -1.34
N GLU A 34 -26.74 0.39 -1.33
CA GLU A 34 -27.40 1.59 -1.83
C GLU A 34 -26.91 2.84 -1.12
N ALA A 35 -26.59 2.73 0.17
CA ALA A 35 -26.22 3.89 0.98
C ALA A 35 -25.05 3.56 1.90
N SER A 36 -24.07 2.81 1.40
CA SER A 36 -22.93 2.40 2.23
C SER A 36 -21.70 2.26 1.35
N TRP A 37 -20.57 2.82 1.79
CA TRP A 37 -19.32 2.77 1.05
C TRP A 37 -18.14 2.52 1.99
N ALA A 38 -17.05 2.02 1.41
CA ALA A 38 -15.78 1.87 2.12
C ALA A 38 -14.64 2.43 1.28
N LEU A 39 -13.58 2.85 1.96
CA LEU A 39 -12.32 3.19 1.30
C LEU A 39 -11.26 2.16 1.68
N VAL A 40 -10.29 1.97 0.79
CA VAL A 40 -9.16 1.08 1.03
C VAL A 40 -7.88 1.81 0.60
N GLU A 41 -6.87 1.79 1.47
CA GLU A 41 -5.58 2.49 1.36
C GLU A 41 -5.75 3.97 1.68
N GLY A 42 -4.75 4.57 2.34
CA GLY A 42 -4.87 5.90 2.89
C GLY A 42 -4.00 7.01 2.33
N GLY A 43 -3.29 6.76 1.24
CA GLY A 43 -2.62 7.77 0.42
C GLY A 43 -1.60 8.71 1.03
N ILE A 44 -1.33 9.82 0.32
CA ILE A 44 -0.46 10.90 0.83
C ILE A 44 -1.32 12.13 1.11
N SER A 45 -0.89 12.90 2.12
CA SER A 45 -1.70 14.03 2.61
C SER A 45 -1.99 15.05 1.51
N ARG A 46 -1.00 15.37 0.67
CA ARG A 46 -1.18 16.44 -0.31
C ARG A 46 -2.30 16.15 -1.30
N ASP A 47 -2.76 14.91 -1.40
CA ASP A 47 -3.83 14.51 -2.32
C ASP A 47 -5.21 14.66 -1.71
N ALA A 48 -5.33 15.26 -0.52
CA ALA A 48 -6.60 15.37 0.17
C ALA A 48 -7.70 15.95 -0.73
N GLU A 49 -7.46 17.12 -1.31
CA GLU A 49 -8.53 17.76 -2.07
C GLU A 49 -8.79 17.04 -3.39
N LEU A 50 -7.78 16.40 -3.98
CA LEU A 50 -8.01 15.62 -5.19
C LEU A 50 -8.87 14.40 -4.90
N VAL A 51 -8.52 13.62 -3.88
CA VAL A 51 -9.28 12.43 -3.53
C VAL A 51 -10.69 12.82 -3.09
N TRP A 52 -10.82 13.91 -2.34
CA TRP A 52 -12.14 14.38 -1.91
C TRP A 52 -13.01 14.72 -3.11
N ALA A 53 -12.45 15.47 -4.07
CA ALA A 53 -13.23 15.83 -5.25
C ALA A 53 -13.67 14.59 -5.99
N ASP A 54 -12.78 13.61 -6.16
CA ASP A 54 -13.16 12.36 -6.84
C ASP A 54 -14.25 11.65 -6.06
N LEU A 55 -14.07 11.55 -4.75
CA LEU A 55 -15.03 10.84 -3.91
C LEU A 55 -16.42 11.41 -4.09
N CYS A 56 -16.57 12.74 -4.03
CA CYS A 56 -17.89 13.36 -4.09
C CYS A 56 -18.56 13.18 -5.44
N ARG A 57 -17.83 12.76 -6.47
CA ARG A 57 -18.46 12.47 -7.75
C ARG A 57 -19.20 11.15 -7.74
N TRP A 58 -18.86 10.26 -6.82
CA TRP A 58 -19.49 8.96 -6.69
C TRP A 58 -20.39 8.85 -5.48
N VAL A 59 -20.11 9.61 -4.44
CA VAL A 59 -20.82 9.53 -3.17
C VAL A 59 -21.49 10.86 -2.94
N ALA A 60 -22.82 10.90 -3.10
CA ALA A 60 -23.52 12.17 -2.93
C ALA A 60 -23.55 12.59 -1.46
N ASP A 61 -23.58 11.64 -0.54
CA ASP A 61 -23.65 11.94 0.90
C ASP A 61 -22.48 11.28 1.60
N PRO A 62 -21.43 12.03 1.95
CA PRO A 62 -20.23 11.41 2.53
C PRO A 62 -20.44 10.79 3.91
N SER A 63 -21.56 11.04 4.58
CA SER A 63 -21.82 10.30 5.81
C SER A 63 -22.09 8.83 5.55
N GLN A 64 -22.15 8.42 4.27
CA GLN A 64 -22.36 7.03 3.89
C GLN A 64 -21.06 6.24 3.78
N VAL A 65 -19.91 6.90 3.87
CA VAL A 65 -18.62 6.22 3.92
C VAL A 65 -18.45 5.68 5.34
N HIS A 66 -18.53 4.35 5.49
CA HIS A 66 -18.59 3.76 6.82
C HIS A 66 -17.29 3.10 7.27
N TYR A 67 -16.38 2.80 6.36
CA TYR A 67 -15.15 2.08 6.72
C TYR A 67 -13.99 2.61 5.89
N TRP A 68 -12.80 2.58 6.50
CA TRP A 68 -11.58 2.94 5.79
C TRP A 68 -10.48 1.96 6.19
N LEU A 69 -10.08 1.10 5.24
CA LEU A 69 -9.17 -0.01 5.52
C LEU A 69 -7.73 0.39 5.20
N ILE A 70 -6.82 0.11 6.14
CA ILE A 70 -5.43 0.55 6.03
C ILE A 70 -4.52 -0.66 6.08
N THR A 71 -3.59 -0.74 5.10
CA THR A 71 -2.67 -1.87 5.05
C THR A 71 -1.48 -1.71 5.97
N HIS A 72 -0.84 -0.53 6.02
CA HIS A 72 0.30 -0.36 6.93
C HIS A 72 0.57 1.12 7.20
N LYS A 73 1.53 1.37 8.10
CA LYS A 73 1.79 2.67 8.72
C LYS A 73 2.67 3.59 7.86
N HIS A 74 3.13 3.18 6.68
CA HIS A 74 4.02 4.05 5.94
C HIS A 74 3.29 5.33 5.52
N TYR A 75 4.06 6.42 5.39
CA TYR A 75 3.50 7.75 5.20
C TYR A 75 2.63 7.84 3.95
N ASP A 76 2.91 7.01 2.95
CA ASP A 76 2.17 7.04 1.70
C ASP A 76 0.95 6.12 1.72
N HIS A 77 0.60 5.58 2.89
CA HIS A 77 -0.56 4.70 3.01
C HIS A 77 -1.49 5.12 4.14
N CYS A 78 -1.24 6.26 4.77
CA CYS A 78 -2.17 6.75 5.78
C CYS A 78 -2.16 8.27 5.86
N GLY A 79 -1.53 8.96 4.91
CA GLY A 79 -1.39 10.41 5.00
C GLY A 79 -2.70 11.18 4.89
N LEU A 80 -3.72 10.58 4.27
CA LEU A 80 -5.00 11.28 4.12
C LEU A 80 -5.81 11.28 5.40
N LEU A 81 -5.62 10.31 6.29
CA LEU A 81 -6.58 10.07 7.37
C LEU A 81 -6.89 11.33 8.17
N PRO A 82 -5.91 12.09 8.68
CA PRO A 82 -6.26 13.27 9.50
C PRO A 82 -6.99 14.35 8.73
N TYR A 83 -6.88 14.37 7.40
CA TYR A 83 -7.41 15.47 6.62
C TYR A 83 -8.77 15.18 6.04
N LEU A 84 -9.10 13.91 5.81
CA LEU A 84 -10.38 13.51 5.26
C LEU A 84 -11.31 12.90 6.29
N CYS A 85 -10.80 12.26 7.33
CA CYS A 85 -11.69 11.69 8.34
C CYS A 85 -12.62 12.72 8.95
N PRO A 86 -12.20 13.97 9.23
CA PRO A 86 -13.16 14.97 9.71
C PRO A 86 -14.27 15.26 8.71
N ARG A 87 -14.09 14.93 7.44
CA ARG A 87 -15.13 15.13 6.45
C ARG A 87 -16.03 13.92 6.28
N LEU A 88 -15.76 12.84 7.02
CA LEU A 88 -16.48 11.57 6.90
C LEU A 88 -16.97 11.19 8.29
N PRO A 89 -18.08 11.79 8.75
CA PRO A 89 -18.44 11.70 10.18
C PRO A 89 -18.75 10.30 10.68
N ASN A 90 -19.12 9.37 9.80
CA ASN A 90 -19.47 8.02 10.21
C ASN A 90 -18.37 7.01 9.95
N VAL A 91 -17.21 7.43 9.46
CA VAL A 91 -16.23 6.43 9.04
C VAL A 91 -15.56 5.79 10.26
N GLN A 92 -15.19 4.52 10.10
CA GLN A 92 -14.41 3.79 11.07
C GLN A 92 -13.12 3.33 10.39
N VAL A 93 -11.97 3.75 10.91
CA VAL A 93 -10.70 3.33 10.34
C VAL A 93 -10.36 1.95 10.88
N LEU A 94 -10.10 1.02 9.98
CA LEU A 94 -9.75 -0.36 10.33
C LEU A 94 -8.27 -0.58 10.04
N ALA A 95 -7.50 -0.94 11.07
CA ALA A 95 -6.07 -1.12 10.91
C ALA A 95 -5.59 -2.13 11.95
N SER A 96 -4.42 -2.70 11.71
CA SER A 96 -3.90 -3.68 12.65
C SER A 96 -3.51 -2.99 13.95
N GLU A 97 -3.25 -3.82 14.98
CA GLU A 97 -2.81 -3.29 16.26
C GLU A 97 -1.53 -2.48 16.11
N ARG A 98 -0.53 -3.04 15.44
CA ARG A 98 0.75 -2.34 15.32
C ARG A 98 0.60 -1.07 14.48
N THR A 99 -0.24 -1.10 13.44
CA THR A 99 -0.48 0.13 12.69
C THR A 99 -1.12 1.19 13.58
N CYS A 100 -2.09 0.80 14.41
CA CYS A 100 -2.72 1.75 15.32
C CYS A 100 -1.70 2.30 16.31
N GLN A 101 -0.79 1.45 16.80
CA GLN A 101 0.25 1.91 17.73
C GLN A 101 1.05 3.06 17.14
N ALA A 102 1.44 2.93 15.87
CA ALA A 102 2.21 3.97 15.20
C ALA A 102 1.57 5.35 15.34
N TRP A 103 0.24 5.41 15.26
CA TRP A 103 -0.46 6.69 15.28
C TRP A 103 -0.51 7.30 16.67
N LYS A 104 -0.19 6.52 17.72
CA LYS A 104 -0.02 7.04 19.08
C LYS A 104 1.43 7.39 19.41
N SER A 105 2.37 7.11 18.52
CA SER A 105 3.77 7.43 18.76
C SER A 105 4.03 8.84 18.25
N GLU A 106 4.32 9.76 19.17
CA GLU A 106 4.60 11.14 18.78
C GLU A 106 5.73 11.21 17.76
N SER A 107 6.75 10.37 17.92
CA SER A 107 7.90 10.38 17.02
C SER A 107 7.56 9.77 15.67
N ALA A 108 6.81 8.67 15.64
CA ALA A 108 6.43 8.07 14.36
C ALA A 108 5.52 9.01 13.57
N VAL A 109 4.54 9.61 14.25
CA VAL A 109 3.65 10.57 13.62
C VAL A 109 4.44 11.72 13.04
N ARG A 110 5.49 12.15 13.75
CA ARG A 110 6.33 13.25 13.31
C ARG A 110 6.95 12.97 11.95
N VAL A 111 7.41 11.74 11.74
CA VAL A 111 8.06 11.40 10.48
C VAL A 111 7.03 11.32 9.36
N VAL A 112 5.85 10.75 9.64
CA VAL A 112 4.79 10.69 8.63
C VAL A 112 4.46 12.10 8.12
N GLU A 113 4.34 13.04 9.05
CA GLU A 113 4.00 14.42 8.68
C GLU A 113 5.12 15.06 7.86
N ARG A 114 6.37 14.93 8.32
CA ARG A 114 7.49 15.54 7.60
C ARG A 114 7.58 15.00 6.17
N LEU A 115 7.51 13.68 6.00
CA LEU A 115 7.60 13.10 4.67
C LEU A 115 6.47 13.57 3.78
N ASN A 116 5.25 13.66 4.32
CA ASN A 116 4.12 14.13 3.52
C ASN A 116 4.25 15.62 3.17
N ARG A 117 4.81 16.41 4.09
CA ARG A 117 4.88 17.84 3.82
C ARG A 117 5.93 18.16 2.75
N GLN A 118 6.93 17.30 2.58
CA GLN A 118 7.87 17.46 1.46
C GLN A 118 7.19 17.29 0.11
N LEU A 119 5.96 16.78 0.07
CA LEU A 119 5.23 16.60 -1.18
C LEU A 119 4.23 17.70 -1.47
N LEU A 120 4.05 18.65 -0.57
CA LEU A 120 3.12 19.75 -0.81
C LEU A 120 3.66 20.67 -1.88
N ARG A 121 2.82 21.05 -2.85
CA ARG A 121 3.17 22.14 -3.73
C ARG A 121 3.13 23.45 -2.95
N ALA A 122 3.97 24.41 -3.36
CA ALA A 122 4.00 25.70 -2.67
C ALA A 122 2.65 26.38 -2.67
N GLU A 123 1.83 26.11 -3.69
CA GLU A 123 0.51 26.72 -3.78
C GLU A 123 -0.40 26.28 -2.63
N GLN A 124 -0.39 25.00 -2.29
CA GLN A 124 -1.47 24.41 -1.50
C GLN A 124 -1.16 24.40 -0.02
N ARG A 125 -2.21 24.53 0.79
CA ARG A 125 -2.20 24.19 2.20
C ARG A 125 -3.26 23.13 2.45
N LEU A 126 -3.07 22.37 3.52
CA LEU A 126 -3.92 21.22 3.80
C LEU A 126 -5.20 21.64 4.50
N PRO A 127 -6.21 20.78 4.50
CA PRO A 127 -7.40 21.03 5.32
C PRO A 127 -7.06 20.91 6.79
N GLU A 128 -7.97 21.39 7.63
CA GLU A 128 -7.81 21.24 9.08
C GLU A 128 -7.85 19.77 9.45
N ALA A 129 -6.86 19.33 10.20
CA ALA A 129 -6.65 17.93 10.52
C ALA A 129 -7.05 17.62 11.97
N CYS A 130 -7.64 16.46 12.19
CA CYS A 130 -7.76 16.03 13.57
C CYS A 130 -6.45 15.39 14.02
N ALA A 131 -6.30 15.25 15.33
CA ALA A 131 -5.07 14.68 15.86
C ALA A 131 -4.95 13.22 15.45
N TRP A 132 -3.70 12.78 15.25
CA TRP A 132 -3.46 11.39 14.87
C TRP A 132 -3.96 10.42 15.93
N ASP A 133 -3.86 10.81 17.21
CA ASP A 133 -4.34 9.95 18.27
C ASP A 133 -5.85 10.08 18.50
N ALA A 134 -6.54 10.87 17.67
CA ALA A 134 -7.98 11.05 17.76
C ALA A 134 -8.72 10.45 16.57
N LEU A 135 -8.03 9.70 15.73
CA LEU A 135 -8.69 9.09 14.58
C LEU A 135 -9.70 8.04 15.04
N PRO A 136 -10.82 7.89 14.34
CA PRO A 136 -11.84 6.91 14.73
C PRO A 136 -11.46 5.50 14.27
N VAL A 137 -10.60 4.85 15.05
CA VAL A 137 -9.97 3.61 14.62
C VAL A 137 -10.57 2.43 15.36
N ARG A 138 -10.58 1.28 14.70
CA ARG A 138 -10.90 0.01 15.34
C ARG A 138 -9.83 -0.98 14.92
N ALA A 139 -9.07 -1.47 15.88
CA ALA A 139 -7.99 -2.40 15.57
C ALA A 139 -8.56 -3.72 15.07
N VAL A 140 -7.96 -4.26 14.02
CA VAL A 140 -8.37 -5.57 13.52
C VAL A 140 -7.21 -6.52 13.67
N ALA A 141 -7.53 -7.81 13.83
CA ALA A 141 -6.53 -8.82 14.10
C ALA A 141 -6.38 -9.78 12.92
N ASP A 142 -5.29 -10.54 12.94
CA ASP A 142 -4.99 -11.51 11.90
C ASP A 142 -6.08 -12.58 11.83
N GLY A 143 -6.64 -12.77 10.64
CA GLY A 143 -7.69 -13.75 10.44
C GLY A 143 -9.10 -13.26 10.69
N GLU A 144 -9.28 -12.01 11.11
CA GLU A 144 -10.60 -11.49 11.41
C GLU A 144 -11.37 -11.25 10.12
N TRP A 145 -12.66 -11.57 10.13
CA TRP A 145 -13.53 -11.29 9.00
C TRP A 145 -14.17 -9.91 9.16
N LEU A 146 -14.05 -9.07 8.15
CA LEU A 146 -14.63 -7.74 8.15
C LEU A 146 -15.93 -7.80 7.34
N GLU A 147 -17.05 -7.85 8.06
CA GLU A 147 -18.39 -7.90 7.47
C GLU A 147 -18.81 -6.49 7.09
N LEU A 148 -18.33 -6.04 5.92
CA LEU A 148 -18.53 -4.65 5.53
C LEU A 148 -19.93 -4.42 4.97
N GLY A 149 -20.50 -5.40 4.27
CA GLY A 149 -21.83 -5.29 3.73
C GLY A 149 -22.37 -6.62 3.28
N PRO A 150 -23.59 -6.63 2.73
CA PRO A 150 -24.23 -7.90 2.36
C PRO A 150 -23.46 -8.70 1.32
N ARG A 151 -22.68 -8.03 0.46
CA ARG A 151 -21.90 -8.71 -0.56
C ARG A 151 -20.41 -8.39 -0.45
N HIS A 152 -19.94 -7.95 0.72
CA HIS A 152 -18.52 -7.66 0.90
C HIS A 152 -18.08 -8.19 2.25
N ARG A 153 -17.30 -9.26 2.23
CA ARG A 153 -16.70 -9.86 3.42
C ARG A 153 -15.22 -10.01 3.08
N LEU A 154 -14.36 -9.29 3.81
CA LEU A 154 -12.93 -9.28 3.57
C LEU A 154 -12.20 -9.83 4.79
N GLN A 155 -11.25 -10.73 4.56
CA GLN A 155 -10.48 -11.32 5.64
C GLN A 155 -9.17 -10.57 5.81
N VAL A 156 -8.86 -10.21 7.05
CA VAL A 156 -7.57 -9.62 7.42
C VAL A 156 -6.51 -10.71 7.47
N ILE A 157 -5.40 -10.52 6.77
CA ILE A 157 -4.30 -11.48 6.78
C ILE A 157 -3.00 -10.77 7.12
N GLU A 158 -2.33 -11.22 8.18
CA GLU A 158 -1.05 -10.63 8.53
C GLU A 158 -0.02 -10.92 7.45
N ALA A 159 0.73 -9.89 7.07
CA ALA A 159 1.72 -10.04 6.01
C ALA A 159 2.94 -9.18 6.33
N HIS A 160 3.61 -9.49 7.43
CA HIS A 160 4.77 -8.71 7.86
C HIS A 160 5.96 -8.94 6.93
N GLY A 161 6.94 -8.02 7.00
CA GLY A 161 8.18 -8.11 6.25
C GLY A 161 8.54 -6.88 5.44
N HIS A 162 7.60 -6.39 4.63
CA HIS A 162 7.72 -5.04 4.11
C HIS A 162 7.82 -4.05 5.25
N SER A 163 6.97 -4.22 6.26
CA SER A 163 6.97 -3.45 7.49
C SER A 163 6.45 -4.38 8.56
N ASP A 164 6.75 -4.05 9.82
CA ASP A 164 6.45 -5.00 10.89
C ASP A 164 4.97 -4.99 11.29
N ASP A 165 4.15 -4.19 10.61
CA ASP A 165 2.72 -4.04 10.92
C ASP A 165 1.81 -4.43 9.75
N HIS A 166 2.37 -4.74 8.58
CA HIS A 166 1.62 -4.83 7.33
C HIS A 166 0.58 -5.95 7.35
N VAL A 167 -0.64 -5.66 6.87
CA VAL A 167 -1.69 -6.65 6.69
C VAL A 167 -2.27 -6.50 5.28
N VAL A 168 -2.95 -7.55 4.81
CA VAL A 168 -3.67 -7.47 3.54
C VAL A 168 -5.13 -7.86 3.76
N PHE A 169 -5.98 -7.50 2.79
CA PHE A 169 -7.41 -7.73 2.88
C PHE A 169 -7.86 -8.55 1.67
N TYR A 170 -8.49 -9.71 1.94
CA TYR A 170 -8.85 -10.66 0.90
C TYR A 170 -10.36 -10.79 0.81
N ASP A 171 -10.90 -10.51 -0.38
CA ASP A 171 -12.32 -10.66 -0.67
C ASP A 171 -12.47 -12.00 -1.41
N VAL A 172 -12.87 -13.04 -0.69
CA VAL A 172 -12.85 -14.36 -1.34
C VAL A 172 -13.97 -14.46 -2.38
N ARG A 173 -15.10 -13.78 -2.15
CA ARG A 173 -16.18 -13.82 -3.14
C ARG A 173 -15.68 -13.38 -4.52
N ARG A 174 -14.80 -12.38 -4.55
CA ARG A 174 -14.32 -11.80 -5.80
C ARG A 174 -12.89 -12.22 -6.14
N ARG A 175 -12.30 -13.13 -5.36
CA ARG A 175 -10.89 -13.50 -5.50
C ARG A 175 -10.03 -12.25 -5.67
N ARG A 176 -10.27 -11.27 -4.79
CA ARG A 176 -9.65 -9.96 -4.86
C ARG A 176 -8.78 -9.78 -3.63
N LEU A 177 -7.52 -9.43 -3.83
CA LEU A 177 -6.59 -9.21 -2.73
C LEU A 177 -6.06 -7.78 -2.78
N PHE A 178 -6.35 -6.99 -1.73
CA PHE A 178 -5.68 -5.70 -1.53
C PHE A 178 -4.39 -6.02 -0.79
N CYS A 179 -3.26 -6.01 -1.52
CA CYS A 179 -2.02 -6.55 -0.97
C CYS A 179 -1.03 -5.49 -0.51
N GLY A 180 -1.39 -4.21 -0.53
CA GLY A 180 -0.46 -3.18 -0.07
C GLY A 180 0.90 -3.27 -0.78
N ASP A 181 1.99 -3.18 0.01
CA ASP A 181 3.35 -3.27 -0.53
C ASP A 181 4.01 -4.63 -0.29
N ALA A 182 3.23 -5.63 0.13
CA ALA A 182 3.76 -6.90 0.55
C ALA A 182 4.37 -7.72 -0.59
N LEU A 183 3.95 -7.47 -1.83
CA LEU A 183 4.58 -8.09 -2.99
C LEU A 183 5.63 -7.19 -3.62
N GLY A 184 5.77 -5.98 -3.11
CA GLY A 184 6.73 -5.05 -3.65
C GLY A 184 6.07 -4.03 -4.55
N GLU A 185 6.88 -3.48 -5.47
CA GLU A 185 6.46 -2.43 -6.39
C GLU A 185 6.34 -2.99 -7.80
N PHE A 186 5.15 -2.94 -8.38
CA PHE A 186 4.99 -3.54 -9.71
C PHE A 186 5.68 -2.66 -10.76
N ASP A 187 6.56 -3.28 -11.55
CA ASP A 187 7.32 -2.53 -12.56
C ASP A 187 6.46 -2.39 -13.81
N GLU A 188 6.03 -1.16 -14.10
CA GLU A 188 5.07 -0.93 -15.18
C GLU A 188 5.71 -1.09 -16.55
N ALA A 189 7.02 -0.82 -16.67
CA ALA A 189 7.65 -0.97 -17.98
C ALA A 189 7.96 -2.44 -18.30
N GLU A 190 8.26 -3.27 -17.30
CA GLU A 190 8.75 -4.62 -17.54
C GLU A 190 7.80 -5.73 -17.10
N GLY A 191 6.75 -5.41 -16.33
CA GLY A 191 5.78 -6.42 -15.95
C GLY A 191 6.18 -7.36 -14.82
N VAL A 192 7.14 -6.97 -13.97
CA VAL A 192 7.64 -7.80 -12.89
C VAL A 192 7.59 -7.02 -11.59
N TRP A 193 7.65 -7.75 -10.47
CA TRP A 193 7.68 -7.11 -9.16
C TRP A 193 9.09 -6.68 -8.79
N ARG A 194 9.21 -5.50 -8.17
CA ARG A 194 10.48 -5.09 -7.55
C ARG A 194 10.34 -5.24 -6.04
N PRO A 195 11.19 -6.02 -5.37
CA PRO A 195 11.01 -6.25 -3.93
C PRO A 195 11.09 -4.95 -3.13
N LEU A 196 10.30 -4.90 -2.04
CA LEU A 196 10.35 -3.80 -1.06
C LEU A 196 10.48 -4.41 0.34
N VAL A 197 11.68 -4.88 0.67
CA VAL A 197 11.93 -5.57 1.93
C VAL A 197 12.54 -4.52 2.87
N PHE A 198 11.69 -3.82 3.62
CA PHE A 198 12.17 -2.75 4.48
C PHE A 198 12.12 -3.09 5.97
N ASP A 199 11.71 -4.30 6.33
CA ASP A 199 11.79 -4.66 7.74
C ASP A 199 12.48 -6.01 7.97
N ASP A 200 12.03 -7.09 7.33
CA ASP A 200 12.50 -8.42 7.70
C ASP A 200 12.33 -9.35 6.51
N MET A 201 13.42 -9.91 5.98
CA MET A 201 13.34 -10.67 4.74
C MET A 201 12.63 -12.01 4.94
N GLU A 202 12.91 -12.70 6.05
CA GLU A 202 12.27 -13.97 6.33
C GLU A 202 10.76 -13.81 6.47
N ALA A 203 10.32 -12.76 7.16
CA ALA A 203 8.89 -12.53 7.27
C ALA A 203 8.28 -12.21 5.91
N TYR A 204 8.98 -11.43 5.10
CA TYR A 204 8.48 -11.04 3.76
C TYR A 204 8.26 -12.27 2.89
N LEU A 205 9.24 -13.17 2.85
CA LEU A 205 9.13 -14.42 2.10
C LEU A 205 8.04 -15.33 2.69
N GLU A 206 8.01 -15.47 4.02
CA GLU A 206 7.00 -16.32 4.65
C GLU A 206 5.59 -15.81 4.37
N SER A 207 5.40 -14.49 4.37
CA SER A 207 4.10 -13.92 4.03
C SER A 207 3.71 -14.25 2.58
N LEU A 208 4.66 -14.17 1.66
CA LEU A 208 4.34 -14.48 0.27
C LEU A 208 4.00 -15.95 0.09
N GLU A 209 4.70 -16.83 0.79
CA GLU A 209 4.35 -18.25 0.84
C GLU A 209 2.91 -18.45 1.29
N ARG A 210 2.51 -17.79 2.38
CA ARG A 210 1.14 -17.94 2.84
C ARG A 210 0.14 -17.40 1.82
N LEU A 211 0.44 -16.25 1.20
CA LEU A 211 -0.51 -15.66 0.26
C LEU A 211 -0.66 -16.49 -1.01
N GLN A 212 0.39 -17.19 -1.43
CA GLN A 212 0.27 -18.15 -2.54
C GLN A 212 -0.74 -19.25 -2.23
N ARG A 213 -1.00 -19.56 -0.96
CA ARG A 213 -1.95 -20.62 -0.66
C ARG A 213 -3.40 -20.19 -0.73
N LEU A 214 -3.69 -18.89 -0.91
CA LEU A 214 -5.05 -18.43 -1.12
C LEU A 214 -5.65 -19.08 -2.38
N PRO A 215 -6.97 -19.27 -2.43
CA PRO A 215 -7.60 -19.63 -3.69
C PRO A 215 -7.22 -18.65 -4.81
N THR A 216 -7.03 -19.19 -6.01
CA THR A 216 -6.51 -18.45 -7.15
C THR A 216 -7.11 -17.05 -7.26
N LEU A 217 -6.25 -16.03 -7.34
CA LEU A 217 -6.72 -14.66 -7.43
C LEU A 217 -7.19 -14.30 -8.83
N LEU A 218 -8.24 -13.48 -8.91
CA LEU A 218 -8.65 -12.82 -10.15
C LEU A 218 -8.23 -11.36 -10.24
N GLN A 219 -8.13 -10.65 -9.10
CA GLN A 219 -7.75 -9.24 -9.09
C GLN A 219 -6.74 -9.06 -7.95
N LEU A 220 -5.63 -8.42 -8.26
CA LEU A 220 -4.58 -8.18 -7.28
C LEU A 220 -4.31 -6.68 -7.27
N ILE A 221 -4.52 -6.04 -6.12
CA ILE A 221 -4.53 -4.59 -6.03
C ILE A 221 -3.46 -4.16 -5.03
N PRO A 222 -2.25 -3.83 -5.48
CA PRO A 222 -1.20 -3.40 -4.55
C PRO A 222 -1.41 -1.95 -4.12
N GLY A 223 -0.47 -1.47 -3.32
CA GLY A 223 -0.54 -0.11 -2.81
C GLY A 223 -0.27 0.94 -3.86
N HIS A 224 0.31 0.58 -4.98
CA HIS A 224 0.68 1.53 -6.01
C HIS A 224 0.43 0.91 -7.39
N GLY A 225 -0.13 1.69 -8.31
CA GLY A 225 -0.08 1.33 -9.72
C GLY A 225 -1.34 0.73 -10.33
N GLY A 226 -2.41 0.51 -9.57
CA GLY A 226 -3.67 0.11 -10.18
C GLY A 226 -4.04 -1.32 -9.85
N LEU A 227 -4.89 -1.91 -10.70
CA LEU A 227 -5.42 -3.23 -10.48
C LEU A 227 -4.82 -4.20 -11.49
N LEU A 228 -4.32 -5.33 -11.01
CA LEU A 228 -3.72 -6.37 -11.85
C LEU A 228 -4.69 -7.54 -11.96
N ARG A 229 -4.80 -8.12 -13.15
CA ARG A 229 -5.73 -9.21 -13.34
C ARG A 229 -5.09 -10.25 -14.25
N GLY A 230 -5.88 -11.25 -14.63
CA GLY A 230 -5.37 -12.30 -15.49
C GLY A 230 -4.24 -13.04 -14.81
N ARG A 231 -3.25 -13.45 -15.61
CA ARG A 231 -2.10 -14.16 -15.04
C ARG A 231 -1.37 -13.34 -13.98
N LEU A 232 -1.42 -12.00 -14.07
CA LEU A 232 -0.67 -11.20 -13.11
C LEU A 232 -1.21 -11.36 -11.70
N ALA A 233 -2.53 -11.49 -11.58
CA ALA A 233 -3.12 -11.73 -10.27
C ALA A 233 -2.86 -13.18 -9.84
N ALA A 234 -3.11 -14.14 -10.74
CA ALA A 234 -3.00 -15.55 -10.38
C ALA A 234 -1.59 -15.88 -9.91
N ASP A 235 -0.56 -15.30 -10.53
CA ASP A 235 0.83 -15.64 -10.22
C ASP A 235 1.52 -14.62 -9.33
N GLY A 236 0.80 -13.58 -8.89
CA GLY A 236 1.46 -12.42 -8.30
C GLY A 236 2.35 -12.77 -7.11
N ALA A 237 1.80 -13.51 -6.14
CA ALA A 237 2.55 -13.81 -4.92
C ALA A 237 3.75 -14.71 -5.20
N GLU A 238 3.58 -15.72 -6.07
CA GLU A 238 4.72 -16.55 -6.46
C GLU A 238 5.80 -15.73 -7.15
N SER A 239 5.41 -14.88 -8.11
CA SER A 239 6.35 -14.05 -8.85
C SER A 239 7.09 -13.08 -7.93
N ALA A 240 6.37 -12.45 -7.00
CA ALA A 240 7.01 -11.56 -6.03
C ALA A 240 8.06 -12.30 -5.21
N TYR A 241 7.75 -13.54 -4.79
CA TYR A 241 8.70 -14.35 -4.05
C TYR A 241 9.94 -14.63 -4.91
N THR A 242 9.71 -15.03 -6.16
CA THR A 242 10.81 -15.27 -7.10
C THR A 242 11.68 -14.02 -7.29
N GLU A 243 11.06 -12.85 -7.45
CA GLU A 243 11.86 -11.65 -7.68
C GLU A 243 12.67 -11.28 -6.45
N CYS A 244 12.18 -11.59 -5.25
CA CYS A 244 12.97 -11.31 -4.05
C CYS A 244 14.22 -12.19 -4.00
N LEU A 245 14.09 -13.47 -4.35
CA LEU A 245 15.24 -14.36 -4.38
C LEU A 245 16.24 -13.90 -5.42
N ARG A 246 15.74 -13.43 -6.55
CA ARG A 246 16.60 -12.96 -7.62
C ARG A 246 17.46 -11.80 -7.16
N LEU A 247 16.88 -10.90 -6.36
CA LEU A 247 17.63 -9.78 -5.83
C LEU A 247 18.67 -10.25 -4.82
N CYS A 248 18.32 -11.23 -3.99
CA CYS A 248 19.28 -11.81 -3.05
C CYS A 248 20.49 -12.37 -3.78
N ARG A 249 20.25 -13.22 -4.79
CA ARG A 249 21.34 -13.78 -5.58
C ARG A 249 22.20 -12.69 -6.19
N ARG A 250 21.56 -11.67 -6.75
CA ARG A 250 22.30 -10.56 -7.34
C ARG A 250 23.17 -9.86 -6.30
N LEU A 251 22.61 -9.64 -5.11
CA LEU A 251 23.40 -9.04 -4.03
C LEU A 251 24.57 -9.93 -3.65
N LEU A 252 24.32 -11.24 -3.50
CA LEU A 252 25.41 -12.16 -3.17
C LEU A 252 26.48 -12.14 -4.25
N TRP A 253 26.07 -12.05 -5.52
CA TRP A 253 27.02 -12.06 -6.62
C TRP A 253 27.95 -10.86 -6.54
N ARG A 254 27.37 -9.67 -6.37
CA ARG A 254 28.18 -8.47 -6.35
C ARG A 254 29.05 -8.38 -5.10
N GLN A 255 28.50 -8.70 -3.92
CA GLN A 255 29.30 -8.73 -2.71
C GLN A 255 30.53 -9.62 -2.90
N SER A 256 30.33 -10.81 -3.49
CA SER A 256 31.40 -11.76 -3.71
C SER A 256 32.47 -11.24 -4.67
N MET A 257 32.19 -10.15 -5.38
CA MET A 257 33.21 -9.46 -6.16
C MET A 257 33.72 -8.22 -5.47
N GLY A 258 33.61 -8.16 -4.13
CA GLY A 258 34.14 -7.04 -3.37
C GLY A 258 33.39 -5.74 -3.51
N GLU A 259 32.15 -5.78 -4.01
CA GLU A 259 31.35 -4.56 -4.16
C GLU A 259 30.77 -4.12 -2.82
N SER A 260 30.73 -2.81 -2.61
CA SER A 260 30.03 -2.25 -1.47
C SER A 260 28.53 -2.23 -1.75
N LEU A 261 27.75 -2.28 -0.66
CA LEU A 261 26.30 -2.18 -0.80
C LEU A 261 25.89 -0.91 -1.56
N ASP A 262 26.71 0.14 -1.47
CA ASP A 262 26.37 1.40 -2.12
C ASP A 262 26.35 1.27 -3.65
N GLU A 263 27.07 0.31 -4.21
CA GLU A 263 27.08 0.15 -5.66
C GLU A 263 25.73 -0.36 -6.16
N LEU A 264 25.31 -1.54 -5.68
CA LEU A 264 24.00 -2.02 -6.08
C LEU A 264 22.90 -1.05 -5.65
N SER A 265 23.13 -0.30 -4.57
CA SER A 265 22.15 0.69 -4.12
C SER A 265 21.92 1.77 -5.16
N GLU A 266 23.01 2.39 -5.63
CA GLU A 266 22.89 3.40 -6.67
C GLU A 266 22.33 2.79 -7.96
N GLU A 267 22.76 1.59 -8.30
CA GLU A 267 22.22 0.91 -9.48
C GLU A 267 20.72 0.71 -9.34
N LEU A 268 20.26 0.17 -8.20
CA LEU A 268 18.83 -0.03 -7.98
C LEU A 268 18.09 1.29 -8.02
N HIS A 269 18.62 2.32 -7.35
CA HIS A 269 17.99 3.63 -7.40
C HIS A 269 17.89 4.13 -8.83
N ARG A 270 18.94 3.87 -9.63
CA ARG A 270 18.95 4.27 -11.03
C ARG A 270 17.88 3.55 -11.82
N ALA A 271 17.79 2.22 -11.66
CA ALA A 271 16.88 1.42 -12.46
C ALA A 271 15.41 1.55 -12.01
N TRP A 272 15.17 1.84 -10.73
CA TRP A 272 13.83 1.73 -10.18
C TRP A 272 13.25 3.01 -9.60
N GLY A 273 14.06 4.04 -9.37
CA GLY A 273 13.58 5.21 -8.65
C GLY A 273 12.60 6.09 -9.42
N GLY A 274 12.59 5.97 -10.75
CA GLY A 274 11.75 6.85 -11.56
C GLY A 274 10.27 6.69 -11.32
N GLN A 275 9.81 5.47 -10.98
CA GLN A 275 8.37 5.25 -10.87
C GLN A 275 7.75 6.05 -9.73
N SER A 276 8.46 6.16 -8.61
CA SER A 276 7.91 6.79 -7.41
C SER A 276 8.42 8.19 -7.18
N VAL A 277 9.08 8.82 -8.16
CA VAL A 277 9.74 10.09 -7.91
C VAL A 277 8.75 11.19 -7.56
N ASP A 278 7.49 11.07 -7.99
CA ASP A 278 6.51 12.12 -7.75
C ASP A 278 5.87 12.05 -6.36
N PHE A 279 6.04 10.95 -5.63
CA PHE A 279 5.53 10.86 -4.26
C PHE A 279 6.56 10.38 -3.24
N LEU A 280 7.76 10.02 -3.67
CA LEU A 280 8.82 9.59 -2.75
C LEU A 280 9.95 10.61 -2.80
N PRO A 281 10.11 11.43 -1.77
CA PRO A 281 11.11 12.51 -1.82
C PRO A 281 12.50 11.98 -2.18
N GLY A 282 13.31 12.86 -2.78
CA GLY A 282 14.55 12.51 -3.45
C GLY A 282 15.39 11.39 -2.84
N GLU A 283 16.20 11.73 -1.84
CA GLU A 283 17.13 10.77 -1.27
C GLU A 283 16.43 9.59 -0.62
N LEU A 284 15.11 9.65 -0.43
CA LEU A 284 14.41 8.59 0.28
C LEU A 284 14.42 7.27 -0.48
N HIS A 285 14.28 7.31 -1.80
CA HIS A 285 14.29 6.06 -2.56
C HIS A 285 15.65 5.38 -2.49
N LEU A 286 16.72 6.13 -2.79
CA LEU A 286 18.06 5.57 -2.66
C LEU A 286 18.32 5.05 -1.25
N GLY A 287 17.95 5.83 -0.24
CA GLY A 287 18.07 5.36 1.13
C GLY A 287 17.25 4.10 1.38
N SER A 288 16.05 4.02 0.78
CA SER A 288 15.24 2.82 0.91
C SER A 288 15.93 1.62 0.29
N MET A 289 16.51 1.79 -0.90
CA MET A 289 17.24 0.71 -1.53
C MET A 289 18.41 0.27 -0.66
N ARG A 290 19.14 1.24 -0.09
CA ARG A 290 20.23 0.94 0.83
C ARG A 290 19.75 0.11 2.01
N ARG A 291 18.62 0.51 2.62
CA ARG A 291 18.11 -0.20 3.79
C ARG A 291 17.69 -1.62 3.42
N MET A 292 17.09 -1.80 2.25
CA MET A 292 16.70 -3.14 1.82
C MET A 292 17.90 -4.05 1.63
N LEU A 293 18.97 -3.54 0.99
CA LEU A 293 20.13 -4.38 0.71
C LEU A 293 20.84 -4.74 2.01
N GLU A 294 20.86 -3.81 2.97
CA GLU A 294 21.39 -4.11 4.28
C GLU A 294 20.61 -5.25 4.94
N ILE A 295 19.27 -5.22 4.82
CA ILE A 295 18.46 -6.28 5.41
C ILE A 295 18.72 -7.61 4.71
N LEU A 296 18.71 -7.61 3.38
CA LEU A 296 19.01 -8.84 2.64
C LEU A 296 20.42 -9.31 2.97
N SER A 297 21.37 -8.38 3.11
CA SER A 297 22.76 -8.77 3.31
C SER A 297 22.96 -9.40 4.67
N ARG A 298 22.27 -8.89 5.71
CA ARG A 298 22.38 -9.47 7.04
C ARG A 298 21.78 -10.87 7.10
N GLN A 299 20.65 -11.10 6.43
CA GLN A 299 19.93 -12.36 6.51
C GLN A 299 20.31 -13.33 5.40
N ALA A 300 21.56 -13.30 4.95
CA ALA A 300 21.98 -14.15 3.85
C ALA A 300 23.51 -14.30 3.75
N LEU A 301 24.27 -13.48 4.47
CA LEU A 301 25.72 -13.59 4.45
C LEU A 301 26.25 -14.45 5.61
#